data_5WRL
#
_entry.id   5WRL
#
_cell.length_a   126.187
_cell.length_b   126.187
_cell.length_c   74.107
_cell.angle_alpha   90.00
_cell.angle_beta   90.00
_cell.angle_gamma   120.00
#
_symmetry.space_group_name_H-M   'P 64'
#
loop_
_entity.id
_entity.type
_entity.pdbx_description
1 polymer 'AP-2 complex subunit mu'
2 polymer 'Insulin receptor substrate 1'
#
loop_
_entity_poly.entity_id
_entity_poly.type
_entity_poly.pdbx_seq_one_letter_code
_entity_poly.pdbx_strand_id
1 'polypeptide(L)'
;QIGWRREGIKYRRNELFLDVLESVNLLMSPQGQVLSAHVSGRVVMKSYLSGMPECKFGMNDKIVIEKQGKGTADETSKSG
KQSIAIDDCTFHQCVRLSKFDSERSISFIPPDGEFELMRYRTTKDIILPFRVIPLVREVGRTKLEVKVVIKSNFKPSLLA
QKIEVRIPTPLNTSGVQVICMKGKAKYKASENAIVWKIKRMAGMKESQISAEIELLPTNDKKKWARPPISMNFEVPFAPS
GLKVRYLKVFEPKLNYSDHDVIKWVRYIGRSGIYETRC
;
A
2 'polypeptide(L)' DYMPMSPK P
#
# COMPACT_ATOMS: atom_id res chain seq x y z
N ILE A 2 -14.31 -1.67 32.82
CA ILE A 2 -13.50 -1.89 31.62
C ILE A 2 -12.07 -2.22 31.99
N GLY A 3 -11.50 -3.19 31.27
CA GLY A 3 -10.26 -3.78 31.69
C GLY A 3 -9.06 -3.23 30.96
N TRP A 4 -9.32 -2.59 29.83
CA TRP A 4 -8.27 -2.06 28.96
C TRP A 4 -8.15 -0.55 29.00
N ARG A 5 -9.05 0.16 29.70
CA ARG A 5 -8.97 1.61 29.82
C ARG A 5 -9.24 2.01 31.25
N ARG A 6 -8.45 2.96 31.75
CA ARG A 6 -8.60 3.50 33.10
C ARG A 6 -9.65 4.61 33.12
N GLU A 7 -10.13 4.95 34.31
CA GLU A 7 -11.36 5.74 34.38
C GLU A 7 -11.14 7.25 34.44
N GLY A 8 -10.04 7.72 35.03
CA GLY A 8 -9.88 9.15 35.18
C GLY A 8 -9.02 9.92 34.19
N ILE A 9 -8.95 9.52 32.92
CA ILE A 9 -7.98 10.13 32.01
C ILE A 9 -8.32 11.59 31.77
N LYS A 10 -7.28 12.42 31.66
CA LYS A 10 -7.44 13.86 31.44
C LYS A 10 -6.44 14.34 30.40
N TYR A 11 -6.94 14.97 29.33
CA TYR A 11 -6.10 15.61 28.34
C TYR A 11 -6.62 17.03 28.12
N ARG A 12 -5.72 18.02 28.16
CA ARG A 12 -6.12 19.38 27.75
C ARG A 12 -6.41 19.41 26.27
N ARG A 13 -5.50 18.86 25.47
CA ARG A 13 -5.62 18.80 24.03
C ARG A 13 -6.12 17.42 23.62
N ASN A 14 -7.37 17.35 23.14
CA ASN A 14 -8.05 16.08 22.83
C ASN A 14 -7.92 15.74 21.35
N GLU A 15 -6.94 14.89 21.01
CA GLU A 15 -6.56 14.64 19.62
C GLU A 15 -6.65 13.15 19.32
N LEU A 16 -6.88 12.81 18.05
CA LEU A 16 -6.78 11.43 17.61
C LEU A 16 -6.20 11.36 16.21
N PHE A 17 -5.58 10.22 15.92
CA PHE A 17 -4.80 9.98 14.71
C PHE A 17 -5.19 8.61 14.16
N LEU A 18 -5.72 8.59 12.95
CA LEU A 18 -6.08 7.34 12.29
C LEU A 18 -5.08 7.02 11.23
N ASP A 19 -4.57 5.78 11.26
CA ASP A 19 -3.64 5.28 10.25
C ASP A 19 -4.30 4.09 9.55
N VAL A 20 -4.59 4.26 8.25
CA VAL A 20 -4.99 3.14 7.40
C VAL A 20 -3.74 2.57 6.76
N LEU A 21 -3.43 1.31 7.08
CA LEU A 21 -2.18 0.67 6.68
C LEU A 21 -2.48 -0.54 5.81
N GLU A 22 -2.25 -0.41 4.52
CA GLU A 22 -2.60 -1.43 3.55
C GLU A 22 -1.37 -1.98 2.84
N SER A 23 -1.24 -3.30 2.82
CA SER A 23 -0.33 -4.00 1.93
C SER A 23 -1.12 -4.44 0.71
N VAL A 24 -0.74 -3.97 -0.47
CA VAL A 24 -1.38 -4.38 -1.72
C VAL A 24 -0.51 -5.43 -2.39
N ASN A 25 -1.14 -6.41 -3.03
CA ASN A 25 -0.49 -7.64 -3.47
C ASN A 25 -1.03 -8.08 -4.83
N LEU A 26 -0.14 -8.45 -5.74
CA LEU A 26 -0.54 -8.63 -7.13
C LEU A 26 0.39 -9.55 -7.90
N LEU A 27 -0.21 -10.34 -8.77
CA LEU A 27 0.50 -11.16 -9.73
C LEU A 27 -0.16 -10.98 -11.08
N MET A 28 0.61 -10.53 -12.08
CA MET A 28 0.06 -10.18 -13.37
C MET A 28 0.68 -11.02 -14.47
N SER A 29 -0.16 -11.55 -15.37
CA SER A 29 0.31 -12.26 -16.54
C SER A 29 1.09 -11.35 -17.46
N PRO A 30 1.85 -11.92 -18.39
CA PRO A 30 2.58 -11.09 -19.37
C PRO A 30 1.69 -10.25 -20.27
N GLN A 31 0.41 -10.56 -20.39
CA GLN A 31 -0.50 -9.86 -21.30
C GLN A 31 -1.34 -8.81 -20.61
N GLY A 32 -1.13 -8.58 -19.32
CA GLY A 32 -1.86 -7.57 -18.60
C GLY A 32 -3.12 -8.05 -17.90
N GLN A 33 -3.42 -9.35 -17.95
CA GLN A 33 -4.53 -9.88 -17.16
C GLN A 33 -4.05 -10.14 -15.74
N VAL A 34 -4.92 -9.84 -14.78
CA VAL A 34 -4.57 -9.93 -13.36
C VAL A 34 -4.86 -11.34 -12.86
N LEU A 35 -3.82 -12.05 -12.45
CA LEU A 35 -3.96 -13.45 -12.06
C LEU A 35 -4.44 -13.63 -10.63
N SER A 36 -3.97 -12.78 -9.72
CA SER A 36 -4.38 -12.78 -8.32
C SER A 36 -4.21 -11.37 -7.78
N ALA A 37 -5.03 -11.01 -6.81
CA ALA A 37 -4.82 -9.70 -6.19
C ALA A 37 -5.59 -9.63 -4.88
N HIS A 38 -4.99 -8.99 -3.89
CA HIS A 38 -5.63 -8.85 -2.59
C HIS A 38 -4.95 -7.71 -1.82
N VAL A 39 -5.66 -7.23 -0.79
CA VAL A 39 -5.16 -6.21 0.12
C VAL A 39 -5.29 -6.72 1.55
N SER A 40 -4.21 -6.66 2.31
CA SER A 40 -4.30 -6.79 3.76
C SER A 40 -4.20 -5.40 4.31
N GLY A 41 -5.09 -5.08 5.23
CA GLY A 41 -5.11 -3.77 5.86
C GLY A 41 -5.32 -3.91 7.34
N ARG A 42 -4.66 -3.05 8.08
CA ARG A 42 -4.95 -2.81 9.48
C ARG A 42 -5.32 -1.34 9.61
N VAL A 43 -6.17 -1.05 10.59
CA VAL A 43 -6.49 0.33 10.97
C VAL A 43 -6.06 0.53 12.41
N VAL A 44 -5.21 1.51 12.64
CA VAL A 44 -4.58 1.76 13.92
C VAL A 44 -4.95 3.16 14.38
N MET A 45 -5.30 3.28 15.65
CA MET A 45 -5.82 4.53 16.22
C MET A 45 -4.85 5.04 17.26
N LYS A 46 -4.48 6.30 17.16
CA LYS A 46 -3.72 6.97 18.20
C LYS A 46 -4.64 8.04 18.77
N SER A 47 -5.06 7.84 20.02
CA SER A 47 -6.16 8.58 20.63
C SER A 47 -5.72 9.17 21.96
N TYR A 48 -5.96 10.47 22.14
CA TYR A 48 -5.72 11.17 23.41
C TYR A 48 -7.01 11.91 23.79
N LEU A 49 -7.91 11.19 24.43
CA LEU A 49 -9.26 11.64 24.68
C LEU A 49 -9.56 11.56 26.16
N SER A 50 -10.26 12.57 26.67
CA SER A 50 -10.44 12.70 28.10
C SER A 50 -11.61 11.84 28.57
N GLY A 51 -11.34 10.96 29.54
CA GLY A 51 -12.39 10.25 30.23
C GLY A 51 -12.66 8.85 29.71
N MET A 52 -13.89 8.62 29.24
CA MET A 52 -14.32 7.30 28.75
C MET A 52 -15.31 7.52 27.62
N PRO A 53 -14.81 7.84 26.43
CA PRO A 53 -15.72 8.21 25.34
C PRO A 53 -16.13 7.03 24.46
N GLU A 54 -17.43 6.86 24.21
CA GLU A 54 -17.84 5.90 23.19
C GLU A 54 -17.66 6.52 21.81
N CYS A 55 -16.95 5.81 20.94
CA CYS A 55 -16.70 6.24 19.56
C CYS A 55 -17.39 5.35 18.55
N LYS A 56 -17.97 5.99 17.53
CA LYS A 56 -18.51 5.34 16.34
C LYS A 56 -17.59 5.64 15.17
N PHE A 57 -17.17 4.60 14.45
CA PHE A 57 -16.20 4.70 13.37
C PHE A 57 -16.83 4.22 12.07
N GLY A 58 -16.78 5.06 11.05
CA GLY A 58 -17.48 4.77 9.82
C GLY A 58 -16.58 5.02 8.62
N MET A 59 -16.75 4.17 7.61
CA MET A 59 -15.99 4.27 6.38
C MET A 59 -16.97 4.04 5.24
N ASN A 60 -16.47 3.65 4.07
CA ASN A 60 -17.34 3.35 2.92
C ASN A 60 -17.57 1.85 2.74
N ASP A 61 -17.92 1.17 3.82
CA ASP A 61 -18.39 -0.20 3.73
C ASP A 61 -19.67 -0.23 2.90
N LYS A 62 -19.74 -1.17 1.96
CA LYS A 62 -20.93 -1.36 1.13
C LYS A 62 -22.16 -1.80 1.94
N LYS A 81 -18.45 10.55 -4.48
CA LYS A 81 -18.21 9.57 -3.41
C LYS A 81 -18.09 8.15 -3.98
N GLN A 82 -17.78 7.19 -3.10
CA GLN A 82 -17.56 5.81 -3.50
C GLN A 82 -18.08 4.86 -2.43
N SER A 83 -18.01 3.58 -2.73
CA SER A 83 -18.41 2.53 -1.79
C SER A 83 -17.60 1.30 -2.14
N ILE A 84 -16.77 0.85 -1.21
CA ILE A 84 -15.95 -0.34 -1.46
C ILE A 84 -16.44 -1.49 -0.59
N ALA A 85 -16.04 -2.68 -0.99
CA ALA A 85 -16.58 -3.91 -0.45
C ALA A 85 -15.49 -4.62 0.33
N ILE A 86 -15.62 -4.61 1.66
CA ILE A 86 -14.76 -5.39 2.54
C ILE A 86 -15.23 -6.83 2.59
N ASP A 87 -14.28 -7.76 2.50
CA ASP A 87 -14.57 -9.18 2.36
C ASP A 87 -14.80 -9.86 3.70
N ASP A 88 -13.87 -9.69 4.64
CA ASP A 88 -14.07 -10.14 6.01
C ASP A 88 -13.02 -9.45 6.86
N CYS A 89 -13.36 -9.20 8.12
CA CYS A 89 -12.43 -8.50 8.99
C CYS A 89 -12.63 -8.94 10.43
N THR A 90 -11.71 -8.50 11.30
CA THR A 90 -11.72 -8.84 12.71
C THR A 90 -11.36 -7.59 13.50
N PHE A 91 -11.93 -7.43 14.70
CA PHE A 91 -11.83 -6.18 15.44
C PHE A 91 -11.08 -6.36 16.75
N HIS A 92 -10.71 -5.22 17.34
CA HIS A 92 -10.26 -5.17 18.72
C HIS A 92 -11.41 -5.52 19.65
N GLN A 93 -11.08 -6.17 20.76
CA GLN A 93 -12.13 -6.58 21.69
C GLN A 93 -13.04 -5.42 22.07
N CYS A 94 -12.48 -4.22 22.17
CA CYS A 94 -13.19 -3.02 22.59
C CYS A 94 -14.40 -2.67 21.73
N VAL A 95 -14.58 -3.34 20.58
CA VAL A 95 -15.69 -3.03 19.66
C VAL A 95 -16.89 -3.90 20.00
N ARG A 96 -18.05 -3.24 20.15
CA ARG A 96 -19.33 -3.94 20.19
C ARG A 96 -19.53 -4.68 18.88
N LEU A 97 -19.27 -5.99 18.89
CA LEU A 97 -19.42 -6.77 17.66
C LEU A 97 -20.83 -6.71 17.13
N SER A 98 -21.82 -6.71 18.03
CA SER A 98 -23.22 -6.65 17.62
C SER A 98 -23.64 -5.25 17.15
N LYS A 99 -22.92 -4.19 17.52
CA LYS A 99 -23.27 -2.86 17.03
C LYS A 99 -22.97 -2.70 15.54
N PHE A 100 -22.02 -3.48 15.02
CA PHE A 100 -21.77 -3.57 13.59
C PHE A 100 -22.58 -4.69 12.93
N ASP A 101 -23.10 -5.63 13.73
CA ASP A 101 -23.85 -6.79 13.26
C ASP A 101 -25.30 -6.47 12.89
N SER A 102 -25.68 -5.20 12.78
CA SER A 102 -27.05 -4.90 12.36
C SER A 102 -27.22 -3.46 11.90
N GLU A 103 -26.12 -2.71 11.76
CA GLU A 103 -26.24 -1.30 11.39
C GLU A 103 -25.08 -0.78 10.55
N ARG A 104 -24.03 -1.59 10.40
CA ARG A 104 -22.76 -1.17 9.77
C ARG A 104 -22.10 -0.01 10.53
N SER A 105 -22.41 0.14 11.81
CA SER A 105 -21.78 1.16 12.67
C SER A 105 -20.85 0.45 13.66
N ILE A 106 -19.55 0.58 13.42
CA ILE A 106 -18.53 0.10 14.36
C ILE A 106 -18.52 1.04 15.56
N SER A 107 -18.82 0.51 16.75
CA SER A 107 -18.89 1.32 17.96
C SER A 107 -17.95 0.75 19.01
N PHE A 108 -17.40 1.62 19.86
CA PHE A 108 -16.42 1.22 20.86
C PHE A 108 -15.95 2.35 21.75
N ILE A 109 -15.55 2.00 22.97
CA ILE A 109 -14.75 2.87 23.82
C ILE A 109 -13.28 2.50 23.63
N PRO A 110 -12.43 3.42 23.20
CA PRO A 110 -11.07 3.05 22.84
C PRO A 110 -10.16 2.93 24.06
N PRO A 111 -9.08 2.17 23.93
CA PRO A 111 -8.01 2.27 24.93
C PRO A 111 -7.27 3.57 24.71
N ASP A 112 -6.60 4.01 25.76
CA ASP A 112 -5.73 5.15 25.59
C ASP A 112 -4.47 4.75 24.81
N GLY A 113 -3.84 5.75 24.20
CA GLY A 113 -2.62 5.50 23.48
C GLY A 113 -2.87 4.91 22.10
N GLU A 114 -1.92 4.11 21.62
CA GLU A 114 -2.03 3.47 20.33
C GLU A 114 -2.59 2.06 20.49
N PHE A 115 -3.42 1.66 19.53
CA PHE A 115 -3.94 0.30 19.46
C PHE A 115 -4.44 0.06 18.04
N GLU A 116 -4.69 -1.22 17.75
CA GLU A 116 -5.11 -1.65 16.42
C GLU A 116 -6.61 -1.89 16.49
N LEU A 117 -7.37 -1.11 15.74
CA LEU A 117 -8.82 -1.23 15.78
C LEU A 117 -9.32 -2.44 14.99
N MET A 118 -8.74 -2.69 13.82
CA MET A 118 -9.15 -3.85 13.04
C MET A 118 -8.08 -4.17 12.02
N ARG A 119 -7.99 -5.46 11.65
CA ARG A 119 -7.36 -5.92 10.42
C ARG A 119 -8.48 -6.29 9.45
N TYR A 120 -8.15 -6.33 8.14
CA TYR A 120 -9.15 -6.66 7.12
C TYR A 120 -8.49 -7.02 5.79
N ARG A 121 -9.25 -7.71 4.93
CA ARG A 121 -8.79 -8.17 3.62
C ARG A 121 -9.76 -7.76 2.52
N THR A 122 -9.23 -7.56 1.31
CA THR A 122 -9.93 -6.96 0.18
C THR A 122 -9.37 -7.47 -1.12
N THR A 123 -10.26 -7.97 -1.94
CA THR A 123 -9.94 -8.51 -3.25
C THR A 123 -10.67 -7.79 -4.38
N LYS A 124 -11.90 -7.32 -4.15
CA LYS A 124 -12.67 -6.67 -5.19
C LYS A 124 -12.19 -5.25 -5.46
N ASP A 125 -12.16 -4.90 -6.74
CA ASP A 125 -12.05 -3.51 -7.23
C ASP A 125 -10.85 -2.77 -6.64
N ILE A 126 -9.69 -3.41 -6.72
CA ILE A 126 -8.48 -2.83 -6.17
C ILE A 126 -7.94 -1.75 -7.10
N ILE A 127 -7.10 -0.90 -6.53
CA ILE A 127 -6.33 0.11 -7.25
C ILE A 127 -4.91 -0.39 -7.35
N LEU A 128 -4.43 -0.60 -8.54
CA LEU A 128 -3.04 -1.03 -8.70
C LEU A 128 -2.15 0.19 -8.95
N PRO A 129 -1.42 0.67 -7.95
CA PRO A 129 -0.73 1.96 -8.09
C PRO A 129 0.19 2.02 -9.30
N PHE A 130 0.80 0.92 -9.70
CA PHE A 130 1.73 0.94 -10.81
C PHE A 130 1.44 -0.18 -11.79
N ARG A 131 1.54 0.12 -13.08
CA ARG A 131 1.54 -0.90 -14.12
C ARG A 131 2.94 -1.01 -14.71
N VAL A 132 3.39 -2.24 -14.96
CA VAL A 132 4.73 -2.52 -15.45
C VAL A 132 4.64 -3.08 -16.85
N ILE A 133 5.41 -2.50 -17.77
CA ILE A 133 5.30 -2.91 -19.16
C ILE A 133 6.69 -3.34 -19.61
N PRO A 134 6.98 -4.62 -19.48
CA PRO A 134 8.30 -5.12 -19.85
C PRO A 134 8.36 -5.32 -21.35
N LEU A 135 9.54 -5.11 -21.91
CA LEU A 135 9.77 -5.37 -23.31
C LEU A 135 11.17 -5.94 -23.46
N VAL A 136 11.28 -7.12 -24.08
CA VAL A 136 12.53 -7.85 -24.14
C VAL A 136 12.81 -8.30 -25.56
N ARG A 137 14.09 -8.26 -25.94
CA ARG A 137 14.54 -8.42 -27.32
C ARG A 137 15.92 -9.09 -27.29
N GLU A 138 16.09 -10.15 -28.08
CA GLU A 138 17.29 -10.99 -28.06
C GLU A 138 18.21 -10.62 -29.21
N VAL A 139 19.15 -9.71 -28.95
CA VAL A 139 20.16 -9.39 -29.95
C VAL A 139 21.14 -10.55 -29.98
N GLY A 140 20.76 -11.64 -30.65
CA GLY A 140 21.64 -12.78 -30.85
C GLY A 140 22.09 -13.44 -29.56
N ARG A 141 22.99 -14.42 -29.66
CA ARG A 141 23.42 -15.19 -28.50
C ARG A 141 24.19 -14.36 -27.48
N THR A 142 24.47 -13.07 -27.75
CA THR A 142 25.39 -12.27 -26.95
C THR A 142 24.76 -11.13 -26.17
N LYS A 143 23.67 -10.53 -26.65
CA LYS A 143 23.10 -9.35 -26.02
C LYS A 143 21.63 -9.56 -25.64
N LEU A 144 21.17 -8.75 -24.69
CA LEU A 144 19.75 -8.51 -24.43
C LEU A 144 19.50 -7.01 -24.52
N GLU A 145 18.45 -6.65 -25.24
CA GLU A 145 17.96 -5.30 -25.27
C GLU A 145 16.67 -5.31 -24.46
N VAL A 146 16.56 -4.46 -23.45
CA VAL A 146 15.42 -4.53 -22.53
C VAL A 146 14.95 -3.13 -22.16
N LYS A 147 13.66 -2.88 -22.30
CA LYS A 147 13.01 -1.66 -21.86
C LYS A 147 11.90 -2.02 -20.86
N VAL A 148 11.78 -1.25 -19.80
CA VAL A 148 10.74 -1.46 -18.80
C VAL A 148 10.12 -0.12 -18.46
N VAL A 149 8.82 -0.01 -18.67
CA VAL A 149 8.07 1.22 -18.45
C VAL A 149 7.15 0.98 -17.26
N ILE A 150 7.16 1.90 -16.31
CA ILE A 150 6.20 1.89 -15.23
C ILE A 150 5.30 3.08 -15.41
N LYS A 151 4.01 2.87 -15.14
CA LYS A 151 2.99 3.93 -15.16
C LYS A 151 2.37 4.02 -13.78
N SER A 152 2.34 5.23 -13.23
CA SER A 152 1.67 5.47 -11.96
C SER A 152 0.18 5.70 -12.23
N ASN A 153 -0.66 4.94 -11.55
CA ASN A 153 -2.07 4.93 -11.93
C ASN A 153 -2.94 5.39 -10.76
N PHE A 154 -2.67 6.58 -10.25
CA PHE A 154 -3.44 7.19 -9.16
C PHE A 154 -3.55 8.69 -9.40
N LYS A 155 -4.21 9.37 -8.48
CA LYS A 155 -4.38 10.82 -8.60
C LYS A 155 -3.01 11.50 -8.72
N PRO A 156 -2.86 12.51 -9.58
CA PRO A 156 -1.55 13.14 -9.77
C PRO A 156 -1.14 14.14 -8.70
N SER A 157 -2.05 14.59 -7.85
CA SER A 157 -1.60 15.44 -6.76
C SER A 157 -0.89 14.66 -5.68
N LEU A 158 -0.63 13.37 -5.91
CA LEU A 158 -0.10 12.47 -4.91
C LEU A 158 1.22 11.89 -5.38
N LEU A 159 2.12 11.70 -4.42
CA LEU A 159 3.47 11.24 -4.71
C LEU A 159 3.64 9.82 -4.17
N ALA A 160 3.81 8.88 -5.08
CA ALA A 160 4.42 7.62 -4.67
C ALA A 160 5.86 7.87 -4.27
N GLN A 161 6.32 7.17 -3.25
CA GLN A 161 7.72 7.27 -2.87
C GLN A 161 8.28 5.90 -2.55
N LYS A 162 9.62 5.82 -2.54
CA LYS A 162 10.35 4.57 -2.31
C LYS A 162 10.00 3.53 -3.38
N ILE A 163 10.10 3.94 -4.62
CA ILE A 163 9.84 3.06 -5.75
C ILE A 163 11.10 2.26 -6.08
N GLU A 164 10.94 0.94 -6.20
CA GLU A 164 12.02 0.04 -6.58
C GLU A 164 11.48 -0.90 -7.66
N VAL A 165 12.20 -1.00 -8.76
CA VAL A 165 11.80 -1.88 -9.85
C VAL A 165 12.91 -2.90 -10.02
N ARG A 166 12.63 -4.13 -9.63
CA ARG A 166 13.62 -5.20 -9.63
C ARG A 166 13.47 -5.96 -10.94
N ILE A 167 14.48 -5.93 -11.80
CA ILE A 167 14.42 -6.62 -13.08
C ILE A 167 15.42 -7.77 -13.03
N PRO A 168 14.97 -9.02 -12.99
CA PRO A 168 15.91 -10.14 -12.89
C PRO A 168 16.71 -10.31 -14.17
N THR A 169 17.95 -10.71 -14.00
CA THR A 169 18.89 -10.97 -15.08
C THR A 169 19.23 -12.45 -15.17
N PRO A 170 19.75 -12.90 -16.31
CA PRO A 170 20.20 -14.29 -16.43
C PRO A 170 21.48 -14.55 -15.65
N LEU A 171 21.87 -15.81 -15.60
CA LEU A 171 23.01 -16.20 -14.79
C LEU A 171 24.32 -16.05 -15.54
N ASN A 172 24.29 -16.19 -16.87
CA ASN A 172 25.46 -16.03 -17.72
C ASN A 172 25.72 -14.59 -18.11
N THR A 173 25.40 -13.64 -17.21
CA THR A 173 25.51 -12.23 -17.50
C THR A 173 26.93 -11.74 -17.27
N SER A 174 27.43 -10.94 -18.21
CA SER A 174 28.83 -10.51 -18.20
C SER A 174 28.94 -9.00 -18.19
N GLY A 175 27.96 -8.33 -17.62
CA GLY A 175 27.98 -6.88 -17.59
C GLY A 175 26.65 -6.36 -18.06
N VAL A 176 26.23 -5.23 -17.51
CA VAL A 176 24.95 -4.61 -17.87
C VAL A 176 25.14 -3.10 -17.90
N GLN A 177 24.90 -2.50 -19.06
CA GLN A 177 24.78 -1.05 -19.17
C GLN A 177 23.31 -0.68 -19.10
N VAL A 178 22.99 0.43 -18.43
CA VAL A 178 21.62 0.91 -18.39
C VAL A 178 21.56 2.43 -18.51
N ILE A 179 20.45 2.90 -19.04
CA ILE A 179 20.09 4.31 -19.02
C ILE A 179 18.75 4.45 -18.34
N CYS A 180 18.62 5.44 -17.45
CA CYS A 180 17.30 5.78 -16.96
C CYS A 180 17.27 7.24 -16.58
N MET A 181 16.38 7.96 -17.27
CA MET A 181 16.29 9.41 -17.18
C MET A 181 15.83 9.87 -15.81
N LYS A 182 14.92 9.10 -15.21
CA LYS A 182 14.49 9.33 -13.84
C LYS A 182 15.05 8.21 -13.01
N GLY A 183 15.35 8.51 -11.77
CA GLY A 183 15.81 7.50 -10.85
C GLY A 183 17.29 7.21 -11.04
N LYS A 184 17.69 6.09 -10.41
CA LYS A 184 19.04 5.55 -10.39
C LYS A 184 18.94 4.03 -10.44
N ALA A 185 19.92 3.37 -11.08
CA ALA A 185 19.84 1.93 -11.30
C ALA A 185 21.20 1.26 -11.18
N LYS A 186 21.34 0.34 -10.22
CA LYS A 186 22.51 -0.53 -10.07
C LYS A 186 22.25 -1.89 -10.73
N TYR A 187 23.32 -2.58 -11.08
CA TYR A 187 23.23 -4.00 -11.41
C TYR A 187 23.84 -4.77 -10.25
N LYS A 188 22.99 -5.30 -9.39
CA LYS A 188 23.44 -6.10 -8.26
C LYS A 188 23.59 -7.55 -8.74
N ALA A 189 24.81 -7.89 -9.19
CA ALA A 189 25.03 -9.22 -9.78
C ALA A 189 25.05 -10.32 -8.73
N SER A 190 25.35 -9.99 -7.48
CA SER A 190 25.21 -10.98 -6.41
C SER A 190 23.80 -11.56 -6.40
N GLU A 191 22.80 -10.70 -6.60
CA GLU A 191 21.41 -11.08 -6.54
C GLU A 191 20.82 -11.33 -7.92
N ASN A 192 21.64 -11.24 -8.97
CA ASN A 192 21.22 -11.45 -10.36
C ASN A 192 19.92 -10.71 -10.68
N ALA A 193 19.99 -9.39 -10.57
CA ALA A 193 18.85 -8.53 -10.83
C ALA A 193 19.35 -7.12 -11.03
N ILE A 194 18.54 -6.32 -11.69
CA ILE A 194 18.78 -4.89 -11.83
C ILE A 194 17.80 -4.17 -10.92
N VAL A 195 18.35 -3.43 -9.95
CA VAL A 195 17.52 -2.60 -9.08
C VAL A 195 17.45 -1.18 -9.66
N TRP A 196 16.24 -0.71 -9.91
CA TRP A 196 15.98 0.65 -10.36
C TRP A 196 15.26 1.36 -9.22
N LYS A 197 15.80 2.49 -8.76
CA LYS A 197 15.27 3.16 -7.58
C LYS A 197 14.86 4.58 -7.91
N ILE A 198 13.62 4.93 -7.54
CA ILE A 198 13.04 6.24 -7.83
C ILE A 198 12.51 6.83 -6.53
N LYS A 199 13.00 8.02 -6.16
CA LYS A 199 12.64 8.57 -4.85
C LYS A 199 11.17 8.98 -4.79
N ARG A 200 10.66 9.57 -5.88
CA ARG A 200 9.29 10.07 -5.92
C ARG A 200 8.78 10.01 -7.34
N MET A 201 7.48 9.75 -7.47
CA MET A 201 6.80 9.80 -8.76
C MET A 201 5.35 10.21 -8.53
N ALA A 202 4.85 11.11 -9.36
CA ALA A 202 3.46 11.51 -9.17
C ALA A 202 2.54 10.61 -9.98
N GLY A 203 1.24 10.79 -9.74
CA GLY A 203 0.24 9.94 -10.37
C GLY A 203 0.01 10.31 -11.82
N MET A 204 -0.28 9.28 -12.61
CA MET A 204 -0.53 9.40 -14.04
C MET A 204 0.74 9.91 -14.73
N LYS A 205 1.84 9.17 -14.58
CA LYS A 205 3.13 9.52 -15.18
C LYS A 205 3.79 8.24 -15.71
N GLU A 206 4.66 8.40 -16.70
CA GLU A 206 5.42 7.28 -17.26
C GLU A 206 6.91 7.53 -17.09
N SER A 207 7.61 6.55 -16.60
CA SER A 207 9.06 6.56 -16.58
C SER A 207 9.53 5.24 -17.16
N GLN A 208 10.69 5.26 -17.80
CA GLN A 208 11.18 4.03 -18.41
C GLN A 208 12.67 3.88 -18.20
N ILE A 209 13.12 2.63 -18.30
CA ILE A 209 14.52 2.27 -18.18
C ILE A 209 14.88 1.39 -19.37
N SER A 210 16.10 1.58 -19.91
CA SER A 210 16.62 0.74 -20.99
C SER A 210 17.89 0.06 -20.50
N ALA A 211 18.07 -1.22 -20.85
CA ALA A 211 19.25 -1.98 -20.44
C ALA A 211 19.78 -2.81 -21.59
N GLU A 212 21.10 -2.94 -21.65
CA GLU A 212 21.77 -3.92 -22.50
C GLU A 212 22.45 -4.90 -21.59
N ILE A 213 22.23 -6.18 -21.84
CA ILE A 213 22.71 -7.25 -20.97
C ILE A 213 23.63 -8.14 -21.79
N GLU A 214 24.94 -7.86 -21.72
CA GLU A 214 25.92 -8.69 -22.38
C GLU A 214 25.93 -10.07 -21.73
N LEU A 215 26.09 -11.12 -22.57
CA LEU A 215 25.88 -12.50 -22.17
C LEU A 215 27.14 -13.34 -22.33
N LEU A 216 27.30 -14.29 -21.44
CA LEU A 216 28.28 -15.34 -21.68
C LEU A 216 27.65 -16.47 -22.46
N PRO A 217 28.44 -17.31 -23.12
CA PRO A 217 27.88 -18.55 -23.64
C PRO A 217 27.45 -19.42 -22.47
N THR A 218 26.44 -20.24 -22.70
CA THR A 218 25.90 -21.05 -21.62
C THR A 218 25.55 -22.41 -22.20
N ASN A 219 25.34 -23.37 -21.31
CA ASN A 219 24.88 -24.66 -21.78
C ASN A 219 23.56 -24.48 -22.48
N ASP A 220 23.54 -24.83 -23.77
CA ASP A 220 22.46 -24.39 -24.64
C ASP A 220 21.11 -24.93 -24.16
N LYS A 221 21.05 -26.24 -23.94
CA LYS A 221 19.80 -26.87 -23.54
C LYS A 221 19.28 -26.29 -22.23
N LYS A 222 20.14 -26.24 -21.20
CA LYS A 222 19.81 -25.51 -19.97
C LYS A 222 19.48 -24.06 -20.32
N LYS A 223 18.20 -23.74 -20.33
CA LYS A 223 17.64 -22.50 -20.86
C LYS A 223 16.92 -21.75 -19.73
N TRP A 224 16.53 -20.50 -20.01
CA TRP A 224 16.07 -19.54 -19.00
C TRP A 224 14.57 -19.30 -19.09
N ALA A 225 13.92 -19.14 -17.92
CA ALA A 225 12.52 -18.75 -17.82
C ALA A 225 12.47 -17.41 -17.07
N ARG A 226 12.10 -16.34 -17.79
CA ARG A 226 12.11 -14.98 -17.28
C ARG A 226 11.27 -14.89 -16.00
N PRO A 227 11.89 -14.84 -14.83
CA PRO A 227 11.12 -14.64 -13.62
C PRO A 227 10.49 -13.26 -13.65
N PRO A 228 9.48 -13.02 -12.84
CA PRO A 228 8.75 -11.76 -12.94
C PRO A 228 9.59 -10.56 -12.52
N ILE A 229 9.12 -9.41 -12.97
CA ILE A 229 9.61 -8.13 -12.50
C ILE A 229 8.81 -7.79 -11.26
N SER A 230 9.50 -7.58 -10.14
CA SER A 230 8.83 -7.22 -8.89
C SER A 230 9.05 -5.75 -8.59
N MET A 231 8.07 -5.16 -7.92
CA MET A 231 8.16 -3.79 -7.49
C MET A 231 7.98 -3.70 -5.98
N ASN A 232 8.52 -2.64 -5.41
CA ASN A 232 8.13 -2.16 -4.10
C ASN A 232 7.86 -0.67 -4.19
N PHE A 233 6.91 -0.20 -3.41
CA PHE A 233 6.59 1.22 -3.42
C PHE A 233 5.73 1.54 -2.21
N GLU A 234 5.67 2.83 -1.87
CA GLU A 234 4.76 3.34 -0.85
C GLU A 234 3.90 4.46 -1.46
N VAL A 235 2.59 4.41 -1.22
CA VAL A 235 1.68 5.40 -1.81
C VAL A 235 0.76 5.95 -0.73
N PRO A 236 0.41 7.26 -0.75
CA PRO A 236 -0.31 7.87 0.37
C PRO A 236 -1.82 7.71 0.22
N PHE A 237 -2.26 6.51 -0.12
CA PHE A 237 -3.69 6.23 -0.25
C PHE A 237 -3.93 4.74 -0.08
N ALA A 238 -5.15 4.39 0.30
CA ALA A 238 -5.51 2.98 0.46
C ALA A 238 -5.85 2.33 -0.87
N PRO A 239 -5.01 1.39 -1.35
CA PRO A 239 -5.28 0.71 -2.63
C PRO A 239 -6.61 0.00 -2.68
N SER A 240 -7.15 -0.45 -1.54
CA SER A 240 -8.47 -1.07 -1.53
C SER A 240 -9.54 -0.14 -2.04
N GLY A 241 -9.32 1.18 -1.89
CA GLY A 241 -10.33 2.18 -2.12
C GLY A 241 -11.02 2.64 -0.86
N LEU A 242 -10.67 2.06 0.28
CA LEU A 242 -11.24 2.46 1.54
C LEU A 242 -10.96 3.92 1.83
N LYS A 243 -11.99 4.62 2.32
CA LYS A 243 -11.84 6.00 2.76
C LYS A 243 -12.60 6.17 4.08
N VAL A 244 -11.92 6.72 5.08
CA VAL A 244 -12.49 6.98 6.41
C VAL A 244 -13.45 8.14 6.31
N ARG A 245 -14.64 7.99 6.89
CA ARG A 245 -15.66 9.03 6.76
C ARG A 245 -15.99 9.75 8.07
N TYR A 246 -15.91 9.07 9.20
CA TYR A 246 -16.12 9.79 10.45
C TYR A 246 -15.48 9.01 11.58
N LEU A 247 -15.03 9.75 12.58
CA LEU A 247 -14.72 9.17 13.88
C LEU A 247 -15.39 10.05 14.91
N LYS A 248 -16.65 9.73 15.21
CA LYS A 248 -17.43 10.49 16.16
C LYS A 248 -17.06 10.08 17.58
N VAL A 249 -16.91 11.09 18.44
CA VAL A 249 -16.55 10.91 19.85
C VAL A 249 -17.61 11.58 20.69
N PHE A 250 -18.30 10.79 21.51
CA PHE A 250 -19.26 11.29 22.49
C PHE A 250 -18.76 10.89 23.87
N GLU A 251 -18.71 11.86 24.76
CA GLU A 251 -18.36 11.69 26.15
C GLU A 251 -19.35 12.51 26.99
N PRO A 252 -20.22 11.83 27.71
CA PRO A 252 -21.47 12.44 28.15
C PRO A 252 -21.44 12.94 29.59
N LYS A 253 -20.37 12.61 30.31
CA LYS A 253 -20.10 13.20 31.59
C LYS A 253 -19.25 14.47 31.49
N LEU A 254 -18.57 14.66 30.37
CA LEU A 254 -17.62 15.75 30.24
C LEU A 254 -18.07 16.78 29.21
N ASN A 255 -17.71 18.03 29.51
CA ASN A 255 -18.14 19.25 28.85
C ASN A 255 -17.39 19.52 27.55
N TYR A 256 -16.78 18.49 26.98
CA TYR A 256 -16.35 18.54 25.60
C TYR A 256 -17.25 17.66 24.74
N SER A 257 -17.12 17.83 23.44
CA SER A 257 -17.99 17.19 22.45
C SER A 257 -17.19 16.99 21.17
N ASP A 258 -17.88 16.75 20.05
CA ASP A 258 -17.19 16.26 18.86
C ASP A 258 -16.38 17.38 18.22
N HIS A 259 -16.99 18.56 18.04
CA HIS A 259 -16.31 19.70 17.42
C HIS A 259 -15.00 20.02 18.11
N ASP A 260 -14.85 19.62 19.38
CA ASP A 260 -13.67 19.91 20.17
C ASP A 260 -12.51 18.95 19.91
N VAL A 261 -12.77 17.75 19.41
CA VAL A 261 -11.70 16.80 19.17
C VAL A 261 -10.95 17.20 17.91
N ILE A 262 -9.62 17.14 17.99
CA ILE A 262 -8.75 17.39 16.85
C ILE A 262 -8.46 16.04 16.22
N LYS A 263 -8.75 15.89 14.93
CA LYS A 263 -8.74 14.58 14.29
C LYS A 263 -7.79 14.59 13.10
N TRP A 264 -7.17 13.45 12.83
CA TRP A 264 -6.18 13.32 11.76
C TRP A 264 -6.26 11.95 11.11
N VAL A 265 -6.20 11.92 9.79
CA VAL A 265 -6.09 10.64 9.08
C VAL A 265 -4.86 10.65 8.21
N ARG A 266 -4.32 9.46 7.98
CA ARG A 266 -3.29 9.32 6.97
C ARG A 266 -3.38 7.92 6.41
N TYR A 267 -2.92 7.77 5.17
CA TYR A 267 -2.97 6.49 4.50
C TYR A 267 -1.56 6.08 4.13
N ILE A 268 -1.23 4.81 4.35
CA ILE A 268 0.07 4.25 3.99
C ILE A 268 -0.16 2.90 3.32
N GLY A 269 -0.28 2.90 2.00
CA GLY A 269 -0.33 1.67 1.23
C GLY A 269 1.06 1.28 0.78
N ARG A 270 1.52 0.10 1.21
CA ARG A 270 2.83 -0.43 0.87
C ARG A 270 2.66 -1.58 -0.12
N SER A 271 3.72 -1.87 -0.87
CA SER A 271 3.72 -3.04 -1.71
C SER A 271 3.87 -4.30 -0.86
N GLY A 272 3.21 -5.36 -1.29
CA GLY A 272 3.58 -6.66 -0.81
C GLY A 272 4.25 -7.43 -1.92
N ILE A 273 3.61 -8.54 -2.30
CA ILE A 273 3.99 -9.27 -3.48
C ILE A 273 3.40 -8.54 -4.68
N TYR A 274 4.27 -8.05 -5.55
CA TYR A 274 3.84 -7.17 -6.65
C TYR A 274 4.66 -7.56 -7.87
N GLU A 275 4.31 -8.69 -8.48
CA GLU A 275 5.11 -9.28 -9.53
C GLU A 275 4.35 -9.24 -10.85
N THR A 276 4.93 -8.60 -11.84
CA THR A 276 4.43 -8.67 -13.21
C THR A 276 5.23 -9.72 -13.94
N ARG A 277 4.56 -10.63 -14.63
CA ARG A 277 5.26 -11.76 -15.25
C ARG A 277 5.76 -11.38 -16.63
N CYS A 278 6.99 -11.74 -16.93
CA CYS A 278 7.60 -11.44 -18.21
C CYS A 278 7.14 -12.41 -19.29
N ASP B 1 0.60 11.14 4.53
CA ASP B 1 0.69 12.28 5.43
C ASP B 1 -0.63 12.49 6.12
N TYR B 2 -0.58 12.93 7.38
CA TYR B 2 -1.78 13.20 8.15
C TYR B 2 -2.46 14.45 7.62
N MET B 3 -3.69 14.28 7.04
CA MET B 3 -4.65 15.32 6.74
C MET B 3 -5.72 15.38 7.82
N PRO B 4 -6.33 16.53 8.10
CA PRO B 4 -7.40 16.56 9.09
C PRO B 4 -8.63 15.94 8.49
N MET B 5 -9.59 15.65 9.35
CA MET B 5 -10.82 15.00 8.95
C MET B 5 -11.92 16.05 8.79
N SER B 6 -12.45 16.14 7.58
CA SER B 6 -13.46 17.14 7.27
C SER B 6 -14.84 16.48 7.16
#